data_2F94
#
_entry.id   2F94
#
_cell.length_a   111.349
_cell.length_b   111.349
_cell.length_c   68.893
_cell.angle_alpha   90.00
_cell.angle_beta   90.00
_cell.angle_gamma   90.00
#
_symmetry.space_group_name_H-M   'P 41 21 2'
#
loop_
_entity.id
_entity.type
_entity.pdbx_description
1 polymer 'Farnesyl Diphosphate Synthase'
2 non-polymer 'ZINC ION'
3 non-polymer 'PHOSPHATE ION'
4 non-polymer IBANDRONATE
5 water water
#
_entity_poly.entity_id   1
_entity_poly.type   'polypeptide(L)'
_entity_poly.pdbx_seq_one_letter_code
;GPNSDVYAQEKQDFVQHFSQIVRVLTEDEMGHPEIGDAIARLKEVLEYNAIGGKYNRGLTVVVAFRELVEPRKQDADSLQ
RAWTVGWCVELLQAFFLVADDIMDSSLTRRGQICWYQKPGVGLDAINDANLLEACIYRLLKLYCREQPYYLNLIELFLQS
SYQTEIGQTLDLLTAPQGNVDLVRFTEKRYKSIVKYKTAFYSFYLPIAAAMYMAGIDGEKEHANAKKILLEMGEFFQIQD
DYLDLFGDPSVTGKIGTDIQDNKCSWLVVQCLQRATPEQYQILKENYGQKEAEKVARVKALYEELDLPAVFLQYEEDSYS
HIMALIEQYAAPLPPAVFLGLARKIYKRRK
;
_entity_poly.pdbx_strand_id   F
#
loop_
_chem_comp.id
_chem_comp.type
_chem_comp.name
_chem_comp.formula
BFQ non-polymer IBANDRONATE 'C9 H23 N O7 P2'
PO4 non-polymer 'PHOSPHATE ION' 'O4 P -3'
ZN non-polymer 'ZINC ION' 'Zn 2'
#
# COMPACT_ATOMS: atom_id res chain seq x y z
N ASP A 5 -5.66 18.22 1.55
CA ASP A 5 -5.32 19.68 1.48
C ASP A 5 -3.82 19.93 1.54
N VAL A 6 -3.21 19.61 2.68
CA VAL A 6 -1.76 19.73 2.82
C VAL A 6 -1.06 18.76 1.87
N TYR A 7 -1.71 17.64 1.57
CA TYR A 7 -1.20 16.70 0.59
C TYR A 7 -1.26 17.33 -0.81
N ALA A 8 -2.40 17.95 -1.12
CA ALA A 8 -2.62 18.57 -2.43
C ALA A 8 -1.60 19.66 -2.73
N GLN A 9 -1.17 20.37 -1.70
CA GLN A 9 -0.22 21.48 -1.88
C GLN A 9 1.23 21.02 -1.71
N GLU A 10 1.43 19.72 -1.58
CA GLU A 10 2.78 19.18 -1.64
C GLU A 10 2.93 18.33 -2.89
N LYS A 11 1.78 17.93 -3.45
CA LYS A 11 1.73 16.86 -4.43
C LYS A 11 2.51 17.16 -5.69
N GLN A 12 2.08 18.20 -6.41
CA GLN A 12 2.67 18.54 -7.70
C GLN A 12 4.18 18.70 -7.61
N ASP A 13 4.66 19.26 -6.51
CA ASP A 13 6.10 19.35 -6.30
C ASP A 13 6.67 17.94 -6.16
N PHE A 14 5.98 17.09 -5.41
CA PHE A 14 6.46 15.73 -5.15
C PHE A 14 6.65 15.02 -6.48
N VAL A 15 5.65 15.16 -7.35
CA VAL A 15 5.65 14.46 -8.62
C VAL A 15 6.71 15.02 -9.54
N GLN A 16 6.90 16.34 -9.51
CA GLN A 16 7.91 16.97 -10.35
C GLN A 16 9.29 16.44 -10.03
N HIS A 17 9.48 15.98 -8.80
CA HIS A 17 10.80 15.52 -8.39
C HIS A 17 11.11 14.10 -8.87
N PHE A 18 10.14 13.45 -9.50
CA PHE A 18 10.32 12.10 -10.00
C PHE A 18 11.38 12.07 -11.09
N SER A 19 11.40 13.11 -11.91
CA SER A 19 12.38 13.21 -12.98
C SER A 19 13.80 13.18 -12.43
N GLN A 20 13.99 13.79 -11.27
CA GLN A 20 15.30 13.74 -10.64
C GLN A 20 15.59 12.35 -10.07
N ILE A 21 14.55 11.70 -9.56
CA ILE A 21 14.71 10.32 -9.09
C ILE A 21 15.19 9.44 -10.25
N VAL A 22 14.52 9.58 -11.40
CA VAL A 22 14.84 8.76 -12.56
C VAL A 22 16.21 9.10 -13.14
N ARG A 23 16.54 10.39 -13.17
CA ARG A 23 17.84 10.82 -13.66
C ARG A 23 18.98 10.25 -12.82
N VAL A 24 18.89 10.41 -11.51
CA VAL A 24 19.95 9.94 -10.63
C VAL A 24 20.06 8.41 -10.63
N LEU A 25 18.94 7.72 -10.80
CA LEU A 25 18.94 6.26 -10.86
C LEU A 25 19.45 5.75 -12.19
N THR A 26 19.68 6.67 -13.12
CA THR A 26 20.24 6.32 -14.42
C THR A 26 21.68 6.81 -14.60
N GLU A 27 22.01 7.93 -13.98
CA GLU A 27 23.32 8.57 -14.18
C GLU A 27 24.38 7.97 -13.26
N ASP A 28 23.95 7.50 -12.10
CA ASP A 28 24.84 6.85 -11.13
C ASP A 28 25.47 5.60 -11.75
N GLU A 29 25.05 5.27 -12.97
CA GLU A 29 25.54 4.09 -13.67
C GLU A 29 26.10 4.47 -15.07
N MET A 30 26.06 5.76 -15.38
CA MET A 30 26.63 6.27 -16.63
C MET A 30 28.14 6.01 -16.75
N GLY A 31 28.78 5.68 -15.64
CA GLY A 31 30.18 5.29 -15.69
C GLY A 31 30.35 3.86 -16.17
N HIS A 32 29.23 3.15 -16.36
CA HIS A 32 29.27 1.76 -16.79
C HIS A 32 28.39 1.55 -18.03
N PRO A 33 28.91 1.91 -19.20
CA PRO A 33 28.18 1.88 -20.48
C PRO A 33 27.57 0.51 -20.79
N GLU A 34 28.24 -0.56 -20.36
CA GLU A 34 27.80 -1.91 -20.71
C GLU A 34 26.42 -2.27 -20.15
N ILE A 35 25.98 -1.61 -19.09
CA ILE A 35 24.66 -1.90 -18.54
C ILE A 35 23.60 -0.91 -19.03
N GLY A 36 23.90 -0.23 -20.14
CA GLY A 36 22.98 0.77 -20.66
C GLY A 36 21.60 0.24 -20.97
N ASP A 37 21.53 -0.93 -21.59
CA ASP A 37 20.25 -1.51 -21.97
C ASP A 37 19.41 -1.84 -20.74
N ALA A 38 20.07 -2.22 -19.66
CA ALA A 38 19.37 -2.55 -18.41
C ALA A 38 18.87 -1.30 -17.74
N ILE A 39 19.71 -0.27 -17.72
CA ILE A 39 19.31 1.00 -17.14
C ILE A 39 18.14 1.60 -17.92
N ALA A 40 18.15 1.44 -19.24
CA ALA A 40 17.00 1.84 -20.06
C ALA A 40 15.75 1.04 -19.69
N ARG A 41 15.89 -0.26 -19.48
CA ARG A 41 14.76 -1.08 -19.08
C ARG A 41 14.27 -0.63 -17.69
N LEU A 42 15.20 -0.35 -16.79
CA LEU A 42 14.84 0.20 -15.48
C LEU A 42 14.02 1.49 -15.60
N LYS A 43 14.48 2.41 -16.44
CA LYS A 43 13.73 3.65 -16.66
C LYS A 43 12.30 3.35 -17.10
N GLU A 44 12.14 2.47 -18.08
CA GLU A 44 10.81 2.10 -18.57
C GLU A 44 9.95 1.49 -17.45
N VAL A 45 10.55 0.62 -16.65
CA VAL A 45 9.88 0.06 -15.48
C VAL A 45 9.41 1.16 -14.51
N LEU A 46 10.30 2.10 -14.18
CA LEU A 46 9.95 3.16 -13.25
C LEU A 46 8.78 3.99 -13.75
N GLU A 47 8.85 4.35 -15.03
CA GLU A 47 7.87 5.25 -15.58
C GLU A 47 6.52 4.60 -15.76
N TYR A 48 6.50 3.29 -16.00
CA TYR A 48 5.23 2.58 -16.13
C TYR A 48 4.62 2.26 -14.77
N ASN A 49 5.44 1.98 -13.77
CA ASN A 49 4.96 1.37 -12.51
C ASN A 49 5.06 2.24 -11.26
N ALA A 50 5.77 3.36 -11.33
CA ALA A 50 5.90 4.25 -10.18
C ALA A 50 5.08 5.52 -10.38
N ILE A 51 4.44 5.64 -11.55
CA ILE A 51 3.66 6.84 -11.88
C ILE A 51 2.21 6.46 -12.17
N GLY A 52 1.28 7.31 -11.76
CA GLY A 52 -0.11 7.10 -12.10
C GLY A 52 -1.00 6.80 -10.91
N GLY A 53 -0.39 6.72 -9.73
CA GLY A 53 -1.16 6.47 -8.52
C GLY A 53 -1.49 7.77 -7.81
N LYS A 54 -1.96 7.68 -6.57
CA LYS A 54 -2.32 8.87 -5.78
C LYS A 54 -1.11 9.44 -5.04
N TYR A 55 -0.07 8.63 -4.89
CA TYR A 55 1.18 9.01 -4.21
C TYR A 55 0.95 9.36 -2.74
N ASN A 56 -0.12 8.84 -2.16
CA ASN A 56 -0.42 9.17 -0.79
C ASN A 56 0.69 8.75 0.19
N ARG A 57 1.32 7.61 -0.05
CA ARG A 57 2.30 7.11 0.91
C ARG A 57 3.54 7.97 0.86
N GLY A 58 3.97 8.33 -0.35
CA GLY A 58 5.14 9.19 -0.49
C GLY A 58 4.89 10.60 0.04
N LEU A 59 3.74 11.17 -0.32
CA LEU A 59 3.38 12.49 0.15
C LEU A 59 3.31 12.53 1.67
N THR A 60 2.91 11.42 2.28
CA THR A 60 2.82 11.36 3.72
C THR A 60 4.19 11.56 4.37
N VAL A 61 5.23 10.97 3.78
CA VAL A 61 6.59 11.21 4.25
C VAL A 61 6.90 12.70 4.23
N VAL A 62 6.64 13.34 3.10
CA VAL A 62 6.95 14.75 2.92
C VAL A 62 6.14 15.62 3.90
N VAL A 63 4.84 15.38 3.96
CA VAL A 63 3.96 16.16 4.82
C VAL A 63 4.34 15.99 6.27
N ALA A 64 4.49 14.74 6.72
CA ALA A 64 4.89 14.50 8.12
C ALA A 64 6.26 15.11 8.44
N PHE A 65 7.17 15.14 7.47
CA PHE A 65 8.48 15.71 7.67
C PHE A 65 8.39 17.23 7.96
N ARG A 66 7.64 17.93 7.11
CA ARG A 66 7.38 19.36 7.32
C ARG A 66 6.76 19.66 8.68
N GLU A 67 5.93 18.76 9.18
CA GLU A 67 5.24 18.98 10.44
C GLU A 67 6.05 18.55 11.67
N LEU A 68 7.09 17.76 11.46
CA LEU A 68 7.84 17.22 12.59
C LEU A 68 9.20 17.87 12.74
N VAL A 69 9.66 18.51 11.67
CA VAL A 69 10.99 19.10 11.65
C VAL A 69 10.89 20.61 11.76
N GLU A 70 11.64 21.19 12.69
CA GLU A 70 11.63 22.63 12.89
C GLU A 70 11.99 23.35 11.60
N PRO A 71 11.22 24.38 11.23
CA PRO A 71 11.33 25.08 9.95
C PRO A 71 12.74 25.53 9.60
N ARG A 72 13.51 25.88 10.63
CA ARG A 72 14.87 26.40 10.43
C ARG A 72 15.83 25.27 10.07
N LYS A 73 15.41 24.03 10.29
CA LYS A 73 16.22 22.88 9.92
C LYS A 73 15.76 22.30 8.60
N GLN A 74 14.73 22.90 8.00
CA GLN A 74 14.24 22.45 6.71
C GLN A 74 14.98 23.13 5.55
N ASP A 75 16.29 22.97 5.50
CA ASP A 75 17.08 23.47 4.38
C ASP A 75 16.73 22.74 3.08
N ALA A 76 17.34 23.17 1.98
CA ALA A 76 17.02 22.64 0.67
C ALA A 76 17.45 21.18 0.54
N ASP A 77 18.54 20.83 1.22
CA ASP A 77 19.08 19.49 1.20
C ASP A 77 18.23 18.53 2.02
N SER A 78 17.70 19.02 3.14
CA SER A 78 16.86 18.21 4.00
C SER A 78 15.53 17.93 3.33
N LEU A 79 14.99 18.94 2.66
CA LEU A 79 13.75 18.80 1.92
C LEU A 79 13.92 17.78 0.82
N GLN A 80 15.05 17.87 0.12
CA GLN A 80 15.32 16.97 -0.98
C GLN A 80 15.40 15.54 -0.49
N ARG A 81 16.02 15.34 0.66
CA ARG A 81 16.10 14.01 1.27
C ARG A 81 14.71 13.53 1.69
N ALA A 82 13.88 14.45 2.17
CA ALA A 82 12.51 14.12 2.53
C ALA A 82 11.74 13.55 1.33
N TRP A 83 11.77 14.23 0.18
CA TRP A 83 10.98 13.71 -0.94
C TRP A 83 11.67 12.58 -1.72
N THR A 84 12.95 12.37 -1.45
CA THR A 84 13.61 11.16 -1.91
C THR A 84 13.13 9.94 -1.11
N VAL A 85 13.09 10.06 0.21
CA VAL A 85 12.56 8.99 1.05
C VAL A 85 11.07 8.74 0.75
N GLY A 86 10.33 9.81 0.44
CA GLY A 86 8.95 9.65 0.01
C GLY A 86 8.86 8.80 -1.25
N TRP A 87 9.68 9.12 -2.24
CA TRP A 87 9.72 8.31 -3.43
C TRP A 87 10.21 6.87 -3.17
N CYS A 88 11.04 6.68 -2.17
CA CYS A 88 11.42 5.32 -1.78
C CYS A 88 10.21 4.52 -1.36
N VAL A 89 9.29 5.14 -0.61
CA VAL A 89 8.09 4.42 -0.19
C VAL A 89 7.25 4.11 -1.42
N GLU A 90 7.24 5.04 -2.38
CA GLU A 90 6.51 4.80 -3.63
C GLU A 90 7.12 3.65 -4.43
N LEU A 91 8.44 3.56 -4.43
CA LEU A 91 9.13 2.47 -5.11
C LEU A 91 8.82 1.12 -4.44
N LEU A 92 8.80 1.10 -3.11
CA LEU A 92 8.41 -0.11 -2.41
C LEU A 92 7.00 -0.52 -2.83
N GLN A 93 6.09 0.44 -2.87
CA GLN A 93 4.74 0.17 -3.33
C GLN A 93 4.76 -0.41 -4.75
N ALA A 94 5.57 0.21 -5.61
CA ALA A 94 5.63 -0.24 -7.00
C ALA A 94 6.11 -1.70 -7.10
N PHE A 95 7.14 -2.01 -6.33
CA PHE A 95 7.65 -3.37 -6.18
C PHE A 95 6.53 -4.34 -5.82
N PHE A 96 5.82 -4.02 -4.73
CA PHE A 96 4.75 -4.89 -4.25
C PHE A 96 3.67 -5.08 -5.30
N LEU A 97 3.28 -3.99 -5.98
CA LEU A 97 2.12 -4.06 -6.87
C LEU A 97 2.41 -4.86 -8.12
N VAL A 98 3.60 -4.69 -8.69
CA VAL A 98 3.98 -5.48 -9.87
C VAL A 98 3.90 -6.97 -9.54
N ALA A 99 4.42 -7.35 -8.39
CA ALA A 99 4.47 -8.76 -8.00
C ALA A 99 3.08 -9.25 -7.63
N ASP A 100 2.32 -8.43 -6.89
CA ASP A 100 0.98 -8.80 -6.48
C ASP A 100 0.04 -8.99 -7.68
N ASP A 101 0.20 -8.17 -8.72
CA ASP A 101 -0.64 -8.26 -9.92
C ASP A 101 -0.42 -9.57 -10.67
N ILE A 102 0.82 -10.03 -10.75
CA ILE A 102 1.09 -11.38 -11.28
C ILE A 102 0.40 -12.44 -10.42
N MET A 103 0.53 -12.31 -9.10
CA MET A 103 0.08 -13.37 -8.20
C MET A 103 -1.43 -13.43 -8.05
N ASP A 104 -2.08 -12.29 -8.25
CA ASP A 104 -3.53 -12.22 -8.26
C ASP A 104 -4.15 -12.35 -9.66
N SER A 105 -3.31 -12.54 -10.69
CA SER A 105 -3.77 -12.58 -12.08
C SER A 105 -4.68 -11.40 -12.41
N SER A 106 -4.24 -10.20 -12.03
CA SER A 106 -5.00 -8.99 -12.30
C SER A 106 -4.80 -8.54 -13.74
N LEU A 107 -5.70 -7.69 -14.23
CA LEU A 107 -5.69 -7.24 -15.62
C LEU A 107 -5.18 -5.80 -15.76
N THR A 108 -5.72 -4.90 -14.93
CA THR A 108 -5.38 -3.48 -15.03
C THR A 108 -4.94 -2.93 -13.67
N ARG A 109 -4.13 -1.89 -13.73
CA ARG A 109 -3.61 -1.22 -12.54
C ARG A 109 -3.43 0.26 -12.88
N ARG A 110 -3.88 1.15 -12.01
CA ARG A 110 -3.78 2.59 -12.26
C ARG A 110 -4.21 2.97 -13.66
N GLY A 111 -5.29 2.37 -14.16
CA GLY A 111 -5.89 2.82 -15.39
C GLY A 111 -5.25 2.32 -16.68
N GLN A 112 -4.20 1.49 -16.56
CA GLN A 112 -3.58 0.87 -17.73
C GLN A 112 -3.43 -0.63 -17.50
N ILE A 113 -3.10 -1.39 -18.55
CA ILE A 113 -2.90 -2.82 -18.40
C ILE A 113 -1.73 -3.09 -17.45
N CYS A 114 -1.87 -4.10 -16.60
CA CYS A 114 -0.80 -4.46 -15.67
C CYS A 114 0.51 -4.68 -16.43
N TRP A 115 1.62 -4.27 -15.82
CA TRP A 115 2.93 -4.42 -16.44
C TRP A 115 3.15 -5.83 -16.99
N TYR A 116 2.91 -6.86 -16.18
CA TYR A 116 3.22 -8.22 -16.64
C TYR A 116 2.32 -8.67 -17.79
N GLN A 117 1.14 -8.06 -17.92
CA GLN A 117 0.21 -8.39 -19.00
C GLN A 117 0.55 -7.67 -20.30
N LYS A 118 1.47 -6.71 -20.21
CA LYS A 118 1.93 -6.02 -21.39
C LYS A 118 2.70 -6.99 -22.30
N PRO A 119 2.34 -7.03 -23.59
CA PRO A 119 3.04 -7.91 -24.53
C PRO A 119 4.55 -7.66 -24.51
N GLY A 120 5.32 -8.74 -24.42
CA GLY A 120 6.76 -8.60 -24.39
C GLY A 120 7.32 -8.56 -22.99
N VAL A 121 6.46 -8.41 -21.97
CA VAL A 121 6.93 -8.40 -20.57
C VAL A 121 6.75 -9.76 -19.92
N GLY A 122 5.52 -10.16 -19.67
CA GLY A 122 5.29 -11.46 -19.04
C GLY A 122 6.06 -11.60 -17.74
N LEU A 123 6.60 -12.79 -17.47
CA LEU A 123 7.20 -13.08 -16.17
C LEU A 123 8.58 -12.45 -15.97
N ASP A 124 9.10 -11.79 -17.01
CA ASP A 124 10.23 -10.89 -16.84
C ASP A 124 9.90 -9.82 -15.78
N ALA A 125 8.61 -9.55 -15.61
CA ALA A 125 8.16 -8.58 -14.62
C ALA A 125 8.64 -8.90 -13.21
N ILE A 126 8.94 -10.18 -12.95
CA ILE A 126 9.44 -10.58 -11.62
C ILE A 126 10.77 -9.88 -11.35
N ASN A 127 11.66 -9.88 -12.33
CA ASN A 127 12.94 -9.23 -12.13
C ASN A 127 12.76 -7.69 -12.11
N ASP A 128 11.81 -7.20 -12.90
CA ASP A 128 11.54 -5.76 -12.91
C ASP A 128 11.13 -5.34 -11.51
N ALA A 129 10.27 -6.13 -10.88
CA ALA A 129 9.80 -5.80 -9.55
C ALA A 129 10.98 -5.72 -8.57
N ASN A 130 11.85 -6.73 -8.58
CA ASN A 130 12.99 -6.73 -7.67
C ASN A 130 13.94 -5.57 -7.93
N LEU A 131 14.06 -5.17 -9.18
CA LEU A 131 14.83 -3.98 -9.51
C LEU A 131 14.26 -2.73 -8.85
N LEU A 132 12.93 -2.61 -8.84
CA LEU A 132 12.30 -1.47 -8.18
C LEU A 132 12.63 -1.45 -6.70
N GLU A 133 12.59 -2.62 -6.08
CA GLU A 133 12.99 -2.76 -4.67
C GLU A 133 14.44 -2.32 -4.46
N ALA A 134 15.32 -2.75 -5.37
CA ALA A 134 16.74 -2.40 -5.24
C ALA A 134 16.94 -0.89 -5.26
N CYS A 135 16.13 -0.19 -6.06
CA CYS A 135 16.29 1.25 -6.22
C CYS A 135 16.14 2.01 -4.91
N ILE A 136 15.32 1.47 -4.02
CA ILE A 136 15.11 2.07 -2.72
C ILE A 136 16.46 2.27 -2.05
N TYR A 137 17.26 1.22 -1.98
CA TYR A 137 18.45 1.26 -1.17
C TYR A 137 19.58 2.01 -1.87
N ARG A 138 19.52 2.06 -3.19
CA ARG A 138 20.40 2.94 -3.95
C ARG A 138 20.12 4.41 -3.62
N LEU A 139 18.85 4.82 -3.60
CA LEU A 139 18.50 6.19 -3.26
C LEU A 139 18.84 6.53 -1.82
N LEU A 140 18.54 5.65 -0.87
CA LEU A 140 18.94 5.91 0.51
C LEU A 140 20.45 6.13 0.66
N LYS A 141 21.25 5.27 0.03
CA LYS A 141 22.69 5.45 0.04
C LYS A 141 23.09 6.77 -0.61
N LEU A 142 22.52 7.07 -1.77
CA LEU A 142 22.86 8.27 -2.51
C LEU A 142 22.56 9.57 -1.77
N TYR A 143 21.48 9.58 -1.01
CA TYR A 143 21.00 10.83 -0.43
C TYR A 143 21.14 10.88 1.08
N CYS A 144 21.17 9.73 1.73
CA CYS A 144 21.07 9.69 3.19
C CYS A 144 22.25 9.02 3.90
N ARG A 145 23.25 8.61 3.14
CA ARG A 145 24.37 7.85 3.70
C ARG A 145 25.05 8.55 4.90
N GLU A 146 25.16 9.87 4.83
CA GLU A 146 25.90 10.59 5.87
C GLU A 146 25.01 11.11 6.98
N GLN A 147 23.72 10.77 6.92
CA GLN A 147 22.78 11.21 7.94
C GLN A 147 22.77 10.28 9.13
N PRO A 148 22.44 10.81 10.32
CA PRO A 148 22.44 9.99 11.52
C PRO A 148 21.35 8.92 11.53
N TYR A 149 20.30 9.12 10.75
CA TYR A 149 19.18 8.17 10.70
C TYR A 149 19.30 7.13 9.57
N TYR A 150 20.46 7.09 8.91
CA TYR A 150 20.66 6.24 7.73
C TYR A 150 20.29 4.78 8.01
N LEU A 151 20.98 4.17 8.98
CA LEU A 151 20.72 2.79 9.34
C LEU A 151 19.27 2.58 9.83
N ASN A 152 18.73 3.57 10.55
CA ASN A 152 17.34 3.46 11.02
C ASN A 152 16.41 3.33 9.80
N LEU A 153 16.67 4.10 8.76
CA LEU A 153 15.86 4.05 7.55
C LEU A 153 16.03 2.73 6.79
N ILE A 154 17.25 2.25 6.66
CA ILE A 154 17.51 1.00 5.96
C ILE A 154 16.76 -0.13 6.65
N GLU A 155 16.88 -0.19 7.97
CA GLU A 155 16.25 -1.26 8.73
C GLU A 155 14.73 -1.13 8.72
N LEU A 156 14.23 0.09 8.68
CA LEU A 156 12.78 0.31 8.64
C LEU A 156 12.18 -0.21 7.32
N PHE A 157 12.81 0.14 6.21
CA PHE A 157 12.37 -0.35 4.91
C PHE A 157 12.51 -1.87 4.80
N LEU A 158 13.62 -2.43 5.27
CA LEU A 158 13.82 -3.87 5.19
C LEU A 158 12.80 -4.59 6.07
N GLN A 159 12.59 -4.09 7.27
CA GLN A 159 11.62 -4.70 8.19
C GLN A 159 10.20 -4.61 7.66
N SER A 160 9.86 -3.45 7.13
CA SER A 160 8.55 -3.25 6.51
C SER A 160 8.30 -4.21 5.35
N SER A 161 9.33 -4.49 4.56
CA SER A 161 9.20 -5.42 3.44
C SER A 161 8.94 -6.83 3.95
N TYR A 162 9.71 -7.24 4.94
CA TYR A 162 9.54 -8.55 5.55
C TYR A 162 8.10 -8.70 6.06
N GLN A 163 7.62 -7.68 6.78
CA GLN A 163 6.28 -7.76 7.38
C GLN A 163 5.23 -7.86 6.27
N THR A 164 5.42 -7.09 5.21
CA THR A 164 4.45 -7.09 4.13
C THR A 164 4.46 -8.46 3.45
N GLU A 165 5.64 -9.06 3.32
CA GLU A 165 5.75 -10.33 2.62
C GLU A 165 5.19 -11.47 3.46
N ILE A 166 5.30 -11.35 4.77
CA ILE A 166 4.64 -12.30 5.67
C ILE A 166 3.12 -12.16 5.48
N GLY A 167 2.64 -10.92 5.43
CA GLY A 167 1.23 -10.68 5.14
C GLY A 167 0.79 -11.25 3.80
N GLN A 168 1.60 -11.05 2.76
CA GLN A 168 1.27 -11.60 1.45
C GLN A 168 1.18 -13.14 1.52
N THR A 169 2.12 -13.74 2.24
CA THR A 169 2.13 -15.18 2.45
C THR A 169 0.80 -15.62 3.08
N LEU A 170 0.35 -14.93 4.11
CA LEU A 170 -0.93 -15.26 4.74
C LEU A 170 -2.08 -15.10 3.75
N ASP A 171 -2.04 -14.00 3.00
CA ASP A 171 -3.05 -13.74 1.98
C ASP A 171 -3.16 -14.94 1.02
N LEU A 172 -2.01 -15.43 0.56
CA LEU A 172 -1.97 -16.50 -0.44
C LEU A 172 -2.38 -17.84 0.17
N LEU A 173 -1.86 -18.13 1.37
CA LEU A 173 -2.15 -19.40 2.06
C LEU A 173 -3.63 -19.53 2.40
N THR A 174 -4.29 -18.41 2.61
CA THR A 174 -5.67 -18.43 3.01
C THR A 174 -6.56 -18.54 1.79
N ALA A 175 -5.96 -18.33 0.60
CA ALA A 175 -6.73 -18.37 -0.64
C ALA A 175 -6.20 -19.37 -1.66
N PRO A 176 -6.14 -20.67 -1.31
CA PRO A 176 -5.67 -21.67 -2.28
C PRO A 176 -6.63 -21.77 -3.46
N GLN A 177 -6.10 -21.71 -4.67
CA GLN A 177 -6.96 -21.80 -5.84
C GLN A 177 -7.56 -23.19 -6.00
N GLY A 178 -8.81 -23.22 -6.44
CA GLY A 178 -9.45 -24.49 -6.73
C GLY A 178 -10.01 -25.16 -5.49
N ASN A 179 -9.80 -24.57 -4.32
CA ASN A 179 -10.36 -25.13 -3.09
C ASN A 179 -11.58 -24.32 -2.63
N VAL A 180 -12.47 -24.95 -1.86
CA VAL A 180 -13.45 -24.19 -1.11
C VAL A 180 -12.82 -23.85 0.23
N ASP A 181 -12.77 -22.56 0.54
CA ASP A 181 -11.94 -22.12 1.65
C ASP A 181 -12.73 -21.29 2.66
N LEU A 182 -14.05 -21.49 2.71
CA LEU A 182 -14.89 -20.61 3.50
C LEU A 182 -14.61 -20.69 5.00
N VAL A 183 -14.31 -21.88 5.51
CA VAL A 183 -14.13 -22.03 6.95
C VAL A 183 -12.86 -21.32 7.42
N ARG A 184 -11.94 -21.10 6.48
CA ARG A 184 -10.73 -20.34 6.78
C ARG A 184 -10.97 -18.84 6.88
N PHE A 185 -12.11 -18.38 6.39
CA PHE A 185 -12.33 -16.94 6.27
C PHE A 185 -12.95 -16.36 7.55
N THR A 186 -12.13 -16.15 8.58
CA THR A 186 -12.65 -15.59 9.83
C THR A 186 -12.17 -14.16 10.03
N GLU A 187 -12.87 -13.45 10.91
CA GLU A 187 -12.49 -12.10 11.28
C GLU A 187 -11.08 -12.06 11.87
N LYS A 188 -10.77 -13.04 12.72
CA LYS A 188 -9.46 -13.07 13.36
C LYS A 188 -8.35 -13.27 12.31
N ARG A 189 -8.59 -14.16 11.36
CA ARG A 189 -7.63 -14.38 10.29
C ARG A 189 -7.46 -13.12 9.44
N TYR A 190 -8.60 -12.52 9.09
CA TYR A 190 -8.60 -11.32 8.27
C TYR A 190 -7.78 -10.18 8.89
N LYS A 191 -7.98 -9.91 10.17
CA LYS A 191 -7.27 -8.80 10.82
C LYS A 191 -5.77 -9.02 10.84
N SER A 192 -5.34 -10.28 10.96
CA SER A 192 -3.93 -10.60 10.92
C SER A 192 -3.37 -10.34 9.53
N ILE A 193 -4.10 -10.75 8.49
CA ILE A 193 -3.59 -10.65 7.13
C ILE A 193 -3.35 -9.19 6.78
N VAL A 194 -4.33 -8.33 7.06
CA VAL A 194 -4.24 -6.95 6.59
C VAL A 194 -3.28 -6.14 7.47
N LYS A 195 -3.15 -6.51 8.73
CA LYS A 195 -2.18 -5.86 9.59
C LYS A 195 -0.80 -5.98 8.94
N TYR A 196 -0.46 -7.19 8.52
CA TYR A 196 0.84 -7.45 7.96
C TYR A 196 1.00 -7.03 6.50
N LYS A 197 0.00 -7.25 5.66
CA LYS A 197 0.17 -7.06 4.22
C LYS A 197 -0.01 -5.61 3.78
N THR A 198 -0.65 -4.81 4.62
CA THR A 198 -1.02 -3.45 4.24
C THR A 198 -0.59 -2.42 5.28
N ALA A 199 -0.87 -2.70 6.54
CA ALA A 199 -0.82 -1.66 7.56
C ALA A 199 0.57 -1.16 7.88
N PHE A 200 1.56 -2.05 7.97
CA PHE A 200 2.92 -1.63 8.28
C PHE A 200 3.51 -0.73 7.18
N TYR A 201 3.48 -1.17 5.93
CA TYR A 201 4.16 -0.37 4.91
C TYR A 201 3.34 0.84 4.42
N SER A 202 2.02 0.77 4.51
CA SER A 202 1.21 1.87 3.97
C SER A 202 1.01 3.03 4.94
N PHE A 203 1.14 2.77 6.24
CA PHE A 203 0.85 3.77 7.25
C PHE A 203 1.95 3.95 8.29
N TYR A 204 2.45 2.86 8.89
CA TYR A 204 3.55 3.01 9.82
C TYR A 204 4.82 3.47 9.10
N LEU A 205 5.18 2.80 8.02
CA LEU A 205 6.44 3.10 7.34
C LEU A 205 6.62 4.59 7.00
N PRO A 206 5.64 5.21 6.33
CA PRO A 206 5.86 6.60 5.90
C PRO A 206 6.05 7.56 7.08
N ILE A 207 5.18 7.45 8.07
CA ILE A 207 5.28 8.30 9.25
C ILE A 207 6.56 7.99 10.05
N ALA A 208 6.88 6.71 10.22
CA ALA A 208 8.09 6.33 10.95
C ALA A 208 9.36 6.87 10.30
N ALA A 209 9.38 6.86 8.97
CA ALA A 209 10.51 7.41 8.22
C ALA A 209 10.67 8.89 8.52
N ALA A 210 9.59 9.65 8.42
CA ALA A 210 9.64 11.07 8.73
C ALA A 210 10.07 11.26 10.19
N MET A 211 9.51 10.45 11.09
CA MET A 211 9.93 10.51 12.49
C MET A 211 11.44 10.34 12.68
N TYR A 212 12.02 9.30 12.08
CA TYR A 212 13.46 9.10 12.24
C TYR A 212 14.25 10.25 11.64
N MET A 213 13.76 10.79 10.52
CA MET A 213 14.40 11.94 9.89
C MET A 213 14.33 13.17 10.80
N ALA A 214 13.28 13.27 11.61
CA ALA A 214 13.15 14.37 12.54
C ALA A 214 13.90 14.10 13.85
N GLY A 215 14.55 12.94 13.96
CA GLY A 215 15.33 12.64 15.15
C GLY A 215 14.50 12.00 16.25
N ILE A 216 13.27 11.63 15.91
CA ILE A 216 12.39 10.98 16.86
C ILE A 216 12.55 9.46 16.69
N ASP A 217 13.37 8.84 17.54
CA ASP A 217 13.76 7.45 17.35
C ASP A 217 13.39 6.60 18.56
N GLY A 218 12.78 7.22 19.56
CA GLY A 218 12.39 6.51 20.76
C GLY A 218 11.38 5.40 20.53
N GLU A 219 11.61 4.26 21.16
CA GLU A 219 10.73 3.10 21.04
C GLU A 219 9.29 3.44 21.43
N LYS A 220 9.14 4.29 22.44
CA LYS A 220 7.81 4.62 22.96
C LYS A 220 7.00 5.45 21.97
N GLU A 221 7.64 6.45 21.36
CA GLU A 221 6.95 7.31 20.41
C GLU A 221 6.56 6.50 19.18
N HIS A 222 7.41 5.55 18.79
CA HIS A 222 7.10 4.73 17.62
C HIS A 222 5.99 3.76 17.92
N ALA A 223 5.97 3.22 19.14
CA ALA A 223 4.90 2.30 19.53
C ALA A 223 3.55 3.02 19.62
N ASN A 224 3.54 4.26 20.11
CA ASN A 224 2.30 5.02 20.16
C ASN A 224 1.81 5.41 18.77
N ALA A 225 2.72 5.81 17.90
CA ALA A 225 2.36 6.15 16.54
C ALA A 225 1.75 4.90 15.89
N LYS A 226 2.41 3.77 16.08
CA LYS A 226 1.99 2.50 15.50
C LYS A 226 0.57 2.12 15.91
N LYS A 227 0.21 2.40 17.17
CA LYS A 227 -1.14 2.10 17.66
C LYS A 227 -2.20 2.74 16.75
N ILE A 228 -2.00 4.01 16.43
CA ILE A 228 -2.93 4.71 15.53
C ILE A 228 -2.81 4.17 14.11
N LEU A 229 -1.59 4.05 13.62
CA LEU A 229 -1.34 3.81 12.21
C LEU A 229 -1.73 2.38 11.73
N LEU A 230 -1.62 1.38 12.60
CA LEU A 230 -2.00 0.04 12.20
C LEU A 230 -3.52 -0.12 12.14
N GLU A 231 -4.22 0.65 12.97
CA GLU A 231 -5.67 0.65 12.90
C GLU A 231 -6.17 1.36 11.65
N MET A 232 -5.52 2.46 11.28
CA MET A 232 -5.84 3.12 10.01
C MET A 232 -5.60 2.16 8.86
N GLY A 233 -4.51 1.40 8.96
CA GLY A 233 -4.16 0.51 7.88
C GLY A 233 -5.18 -0.59 7.73
N GLU A 234 -5.72 -1.04 8.86
CA GLU A 234 -6.75 -2.06 8.83
C GLU A 234 -7.99 -1.51 8.11
N PHE A 235 -8.41 -0.30 8.46
CA PHE A 235 -9.54 0.28 7.76
C PHE A 235 -9.28 0.41 6.27
N PHE A 236 -8.06 0.82 5.94
CA PHE A 236 -7.72 1.12 4.57
C PHE A 236 -7.86 -0.13 3.70
N GLN A 237 -7.49 -1.28 4.25
CA GLN A 237 -7.54 -2.51 3.49
C GLN A 237 -8.98 -3.01 3.37
N ILE A 238 -9.78 -2.80 4.42
CA ILE A 238 -11.20 -3.11 4.34
C ILE A 238 -11.84 -2.27 3.23
N GLN A 239 -11.50 -0.99 3.17
CA GLN A 239 -11.92 -0.13 2.08
C GLN A 239 -11.44 -0.66 0.72
N ASP A 240 -10.20 -1.11 0.63
CA ASP A 240 -9.68 -1.69 -0.59
C ASP A 240 -10.52 -2.92 -1.00
N ASP A 241 -10.86 -3.77 -0.03
CA ASP A 241 -11.71 -4.93 -0.30
C ASP A 241 -13.11 -4.53 -0.78
N TYR A 242 -13.71 -3.53 -0.16
CA TYR A 242 -15.02 -3.07 -0.56
C TYR A 242 -15.01 -2.58 -2.02
N LEU A 243 -14.01 -1.77 -2.35
CA LEU A 243 -13.92 -1.16 -3.67
C LEU A 243 -13.55 -2.15 -4.77
N ASP A 244 -12.92 -3.25 -4.38
CA ASP A 244 -12.56 -4.29 -5.32
C ASP A 244 -13.82 -4.75 -6.06
N LEU A 245 -14.96 -4.76 -5.36
CA LEU A 245 -16.22 -5.20 -5.94
C LEU A 245 -17.19 -4.06 -6.22
N PHE A 246 -17.25 -3.08 -5.31
CA PHE A 246 -18.29 -2.06 -5.34
C PHE A 246 -17.79 -0.69 -5.74
N GLY A 247 -16.50 -0.58 -6.07
CA GLY A 247 -15.93 0.69 -6.50
C GLY A 247 -16.10 0.96 -7.99
N ASP A 248 -15.98 2.22 -8.37
CA ASP A 248 -16.13 2.67 -9.76
C ASP A 248 -14.80 2.48 -10.46
N PRO A 249 -14.75 1.59 -11.46
CA PRO A 249 -13.50 1.18 -12.10
C PRO A 249 -12.76 2.35 -12.74
N SER A 250 -13.49 3.37 -13.15
CA SER A 250 -12.83 4.54 -13.69
C SER A 250 -12.21 5.37 -12.56
N VAL A 251 -12.64 5.14 -11.32
CA VAL A 251 -12.00 5.78 -10.19
C VAL A 251 -10.88 4.93 -9.57
N THR A 252 -11.12 3.63 -9.41
CA THR A 252 -10.13 2.77 -8.78
C THR A 252 -8.92 2.52 -9.68
N GLY A 253 -9.11 2.61 -10.99
CA GLY A 253 -8.03 2.34 -11.92
C GLY A 253 -7.77 0.85 -12.18
N LYS A 254 -8.60 -0.03 -11.61
CA LYS A 254 -8.30 -1.45 -11.70
C LYS A 254 -9.52 -2.32 -11.54
N ILE A 255 -9.45 -3.51 -12.10
CA ILE A 255 -10.54 -4.47 -12.02
C ILE A 255 -10.33 -5.44 -10.87
N GLY A 256 -11.39 -5.67 -10.10
CA GLY A 256 -11.30 -6.54 -8.94
C GLY A 256 -11.17 -8.00 -9.31
N THR A 257 -10.54 -8.79 -8.43
CA THR A 257 -10.35 -10.22 -8.65
C THR A 257 -10.56 -11.00 -7.36
N ASP A 258 -10.94 -10.33 -6.28
CA ASP A 258 -10.94 -11.01 -4.98
C ASP A 258 -11.82 -12.26 -4.98
N ILE A 259 -13.00 -12.18 -5.60
CA ILE A 259 -13.90 -13.35 -5.61
C ILE A 259 -13.36 -14.49 -6.47
N GLN A 260 -12.96 -14.19 -7.70
CA GLN A 260 -12.33 -15.18 -8.55
C GLN A 260 -11.10 -15.81 -7.91
N ASP A 261 -10.34 -15.01 -7.14
CA ASP A 261 -9.10 -15.48 -6.54
C ASP A 261 -9.33 -16.13 -5.19
N ASN A 262 -10.59 -16.25 -4.79
CA ASN A 262 -10.91 -16.98 -3.56
C ASN A 262 -10.31 -16.31 -2.32
N LYS A 263 -10.30 -14.98 -2.29
CA LYS A 263 -9.62 -14.24 -1.23
C LYS A 263 -10.43 -14.10 0.04
N CYS A 264 -9.73 -14.08 1.17
CA CYS A 264 -10.31 -13.75 2.46
C CYS A 264 -10.52 -12.24 2.58
N SER A 265 -11.49 -11.72 1.83
CA SER A 265 -11.77 -10.29 1.84
C SER A 265 -12.72 -9.96 2.98
N TRP A 266 -12.74 -8.70 3.37
CA TRP A 266 -13.67 -8.22 4.39
C TRP A 266 -15.10 -8.59 3.98
N LEU A 267 -15.42 -8.41 2.71
CA LEU A 267 -16.77 -8.71 2.21
C LEU A 267 -17.21 -10.15 2.47
N VAL A 268 -16.37 -11.14 2.13
CA VAL A 268 -16.78 -12.54 2.30
C VAL A 268 -16.86 -12.87 3.79
N VAL A 269 -15.96 -12.29 4.59
CA VAL A 269 -15.99 -12.49 6.03
C VAL A 269 -17.32 -11.98 6.62
N GLN A 270 -17.75 -10.81 6.19
CA GLN A 270 -18.99 -10.21 6.66
C GLN A 270 -20.19 -11.00 6.15
N CYS A 271 -20.07 -11.50 4.92
CA CYS A 271 -21.11 -12.33 4.32
C CYS A 271 -21.33 -13.59 5.17
N LEU A 272 -20.23 -14.26 5.49
CA LEU A 272 -20.28 -15.49 6.26
C LEU A 272 -20.92 -15.29 7.61
N GLN A 273 -20.65 -14.14 8.23
CA GLN A 273 -21.22 -13.85 9.55
C GLN A 273 -22.73 -13.68 9.49
N ARG A 274 -23.27 -13.41 8.31
CA ARG A 274 -24.69 -13.06 8.20
C ARG A 274 -25.52 -14.05 7.41
N ALA A 275 -24.86 -14.98 6.72
CA ALA A 275 -25.55 -15.83 5.78
C ALA A 275 -26.36 -16.94 6.46
N THR A 276 -27.55 -17.20 5.92
CA THR A 276 -28.30 -18.39 6.28
C THR A 276 -27.58 -19.58 5.67
N PRO A 277 -27.92 -20.81 6.10
CA PRO A 277 -27.31 -21.99 5.49
C PRO A 277 -27.53 -22.03 3.98
N GLU A 278 -28.68 -21.52 3.53
CA GLU A 278 -28.99 -21.54 2.11
C GLU A 278 -28.06 -20.58 1.37
N GLN A 279 -27.81 -19.43 1.98
CA GLN A 279 -26.93 -18.44 1.39
C GLN A 279 -25.48 -18.92 1.47
N TYR A 280 -25.13 -19.56 2.58
CA TYR A 280 -23.81 -20.17 2.72
C TYR A 280 -23.53 -21.14 1.57
N GLN A 281 -24.48 -22.01 1.27
CA GLN A 281 -24.35 -22.97 0.19
C GLN A 281 -24.12 -22.28 -1.15
N ILE A 282 -24.89 -21.23 -1.39
CA ILE A 282 -24.72 -20.44 -2.61
C ILE A 282 -23.32 -19.84 -2.66
N LEU A 283 -22.87 -19.29 -1.55
CA LEU A 283 -21.50 -18.78 -1.46
C LEU A 283 -20.51 -19.90 -1.76
N LYS A 284 -20.71 -21.05 -1.12
CA LYS A 284 -19.79 -22.16 -1.29
C LYS A 284 -19.61 -22.61 -2.75
N GLU A 285 -20.70 -22.60 -3.52
CA GLU A 285 -20.64 -23.15 -4.85
C GLU A 285 -20.30 -22.13 -5.92
N ASN A 286 -20.24 -20.85 -5.54
CA ASN A 286 -19.91 -19.81 -6.51
C ASN A 286 -18.61 -19.04 -6.25
N TYR A 287 -18.10 -19.08 -5.02
CA TYR A 287 -16.89 -18.34 -4.67
C TYR A 287 -15.63 -19.02 -5.20
N GLY A 288 -14.63 -18.22 -5.57
CA GLY A 288 -13.32 -18.77 -5.88
C GLY A 288 -13.20 -19.36 -7.27
N GLN A 289 -14.07 -18.91 -8.17
CA GLN A 289 -14.10 -19.45 -9.53
C GLN A 289 -14.21 -18.33 -10.55
N LYS A 290 -13.68 -18.62 -11.74
CA LYS A 290 -13.48 -17.60 -12.75
C LYS A 290 -14.71 -17.26 -13.57
N GLU A 291 -15.76 -18.08 -13.50
CA GLU A 291 -16.95 -17.83 -14.30
C GLU A 291 -17.68 -16.56 -13.87
N ALA A 292 -17.93 -15.70 -14.84
CA ALA A 292 -18.57 -14.41 -14.57
C ALA A 292 -19.89 -14.58 -13.84
N GLU A 293 -20.66 -15.59 -14.22
CA GLU A 293 -21.98 -15.78 -13.63
C GLU A 293 -21.86 -16.18 -12.16
N LYS A 294 -20.83 -16.95 -11.84
CA LYS A 294 -20.63 -17.36 -10.46
C LYS A 294 -20.20 -16.16 -9.62
N VAL A 295 -19.33 -15.33 -10.16
CA VAL A 295 -18.93 -14.11 -9.48
C VAL A 295 -20.15 -13.20 -9.27
N ALA A 296 -20.97 -13.08 -10.32
CA ALA A 296 -22.14 -12.20 -10.25
C ALA A 296 -23.13 -12.70 -9.20
N ARG A 297 -23.23 -14.01 -9.05
CA ARG A 297 -24.07 -14.59 -8.01
C ARG A 297 -23.60 -14.19 -6.61
N VAL A 298 -22.28 -14.23 -6.39
CA VAL A 298 -21.69 -13.78 -5.14
C VAL A 298 -22.01 -12.32 -4.83
N LYS A 299 -21.79 -11.45 -5.80
CA LYS A 299 -22.04 -10.03 -5.63
C LYS A 299 -23.52 -9.77 -5.32
N ALA A 300 -24.38 -10.61 -5.89
CA ALA A 300 -25.82 -10.49 -5.66
C ALA A 300 -26.13 -10.83 -4.22
N LEU A 301 -25.47 -11.88 -3.72
CA LEU A 301 -25.64 -12.27 -2.33
C LEU A 301 -25.16 -11.17 -1.37
N TYR A 302 -24.02 -10.54 -1.68
CA TYR A 302 -23.52 -9.44 -0.88
C TYR A 302 -24.54 -8.31 -0.81
N GLU A 303 -25.14 -8.00 -1.96
CA GLU A 303 -26.10 -6.91 -2.05
C GLU A 303 -27.39 -7.27 -1.32
N GLU A 304 -27.78 -8.54 -1.40
CA GLU A 304 -28.96 -8.99 -0.68
C GLU A 304 -28.76 -8.88 0.82
N LEU A 305 -27.52 -9.07 1.28
CA LEU A 305 -27.22 -8.99 2.70
C LEU A 305 -26.82 -7.56 3.08
N ASP A 306 -27.01 -6.63 2.15
CA ASP A 306 -26.77 -5.21 2.38
C ASP A 306 -25.37 -4.92 2.94
N LEU A 307 -24.37 -5.56 2.35
CA LEU A 307 -23.00 -5.35 2.79
C LEU A 307 -22.50 -3.94 2.50
N PRO A 308 -22.99 -3.32 1.40
CA PRO A 308 -22.67 -1.90 1.16
C PRO A 308 -23.08 -0.95 2.29
N ALA A 309 -24.28 -1.13 2.83
CA ALA A 309 -24.71 -0.35 4.00
C ALA A 309 -23.92 -0.73 5.25
N VAL A 310 -23.59 -2.01 5.38
CA VAL A 310 -22.76 -2.45 6.49
C VAL A 310 -21.39 -1.76 6.43
N PHE A 311 -20.84 -1.67 5.23
CA PHE A 311 -19.55 -1.01 5.05
C PHE A 311 -19.60 0.48 5.38
N LEU A 312 -20.59 1.16 4.82
CA LEU A 312 -20.77 2.57 5.07
C LEU A 312 -20.89 2.85 6.58
N GLN A 313 -21.61 2.00 7.30
CA GLN A 313 -21.68 2.13 8.76
C GLN A 313 -20.34 1.83 9.44
N TYR A 314 -19.66 0.77 9.00
CA TYR A 314 -18.34 0.46 9.53
C TYR A 314 -17.35 1.60 9.28
N GLU A 315 -17.44 2.23 8.11
CA GLU A 315 -16.53 3.32 7.80
C GLU A 315 -16.67 4.47 8.80
N GLU A 316 -17.91 4.73 9.22
CA GLU A 316 -18.15 5.85 10.11
C GLU A 316 -17.67 5.49 11.51
N ASP A 317 -17.97 4.25 11.93
CA ASP A 317 -17.55 3.78 13.25
C ASP A 317 -16.03 3.71 13.36
N SER A 318 -15.38 3.33 12.28
CA SER A 318 -13.93 3.19 12.25
C SER A 318 -13.30 4.57 12.36
N TYR A 319 -13.83 5.52 11.60
CA TYR A 319 -13.36 6.90 11.65
C TYR A 319 -13.39 7.40 13.10
N SER A 320 -14.51 7.19 13.78
CA SER A 320 -14.64 7.63 15.16
C SER A 320 -13.65 6.93 16.08
N HIS A 321 -13.40 5.64 15.81
CA HIS A 321 -12.45 4.88 16.59
C HIS A 321 -11.02 5.38 16.38
N ILE A 322 -10.67 5.62 15.11
CA ILE A 322 -9.38 6.18 14.80
C ILE A 322 -9.15 7.55 15.44
N MET A 323 -10.17 8.41 15.40
CA MET A 323 -10.03 9.74 16.01
C MET A 323 -9.83 9.61 17.53
N ALA A 324 -10.53 8.67 18.15
CA ALA A 324 -10.33 8.41 19.57
C ALA A 324 -8.88 7.99 19.85
N LEU A 325 -8.35 7.11 19.00
CA LEU A 325 -6.96 6.68 19.15
C LEU A 325 -5.99 7.84 18.97
N ILE A 326 -6.30 8.76 18.07
CA ILE A 326 -5.47 9.94 17.91
C ILE A 326 -5.51 10.80 19.18
N GLU A 327 -6.68 10.96 19.78
CA GLU A 327 -6.74 11.72 21.04
C GLU A 327 -5.82 11.09 22.09
N GLN A 328 -5.79 9.75 22.12
CA GLN A 328 -5.04 9.04 23.14
C GLN A 328 -3.53 9.01 22.89
N TYR A 329 -3.13 8.79 21.64
CA TYR A 329 -1.77 8.35 21.37
C TYR A 329 -0.92 9.31 20.55
N ALA A 330 -1.52 10.38 20.06
CA ALA A 330 -0.79 11.31 19.20
C ALA A 330 0.34 12.04 19.92
N ALA A 331 0.11 12.47 21.16
CA ALA A 331 1.14 13.26 21.87
C ALA A 331 2.36 12.39 22.07
N PRO A 332 3.56 12.97 21.93
CA PRO A 332 3.81 14.40 21.79
C PRO A 332 3.86 14.94 20.36
N LEU A 333 3.47 14.12 19.38
CA LEU A 333 3.49 14.56 17.99
C LEU A 333 2.30 15.48 17.71
N PRO A 334 2.45 16.39 16.74
CA PRO A 334 1.29 17.20 16.33
C PRO A 334 0.17 16.28 15.87
N PRO A 335 -1.05 16.47 16.40
CA PRO A 335 -2.21 15.68 15.95
C PRO A 335 -2.47 15.83 14.46
N ALA A 336 -2.07 16.97 13.89
CA ALA A 336 -2.29 17.23 12.47
C ALA A 336 -1.62 16.17 11.58
N VAL A 337 -0.50 15.63 12.05
CA VAL A 337 0.18 14.54 11.38
C VAL A 337 -0.76 13.38 11.06
N PHE A 338 -1.53 12.96 12.06
CA PHE A 338 -2.45 11.85 11.88
C PHE A 338 -3.78 12.27 11.28
N LEU A 339 -4.20 13.50 11.58
CA LEU A 339 -5.47 14.01 11.08
C LEU A 339 -5.43 14.17 9.57
N GLY A 340 -4.30 14.62 9.05
CA GLY A 340 -4.19 14.82 7.62
C GLY A 340 -4.27 13.48 6.90
N LEU A 341 -3.62 12.47 7.47
CA LEU A 341 -3.70 11.11 6.95
C LEU A 341 -5.15 10.61 6.99
N ALA A 342 -5.81 10.74 8.14
CA ALA A 342 -7.20 10.30 8.27
C ALA A 342 -8.11 10.96 7.24
N ARG A 343 -7.89 12.25 7.01
CA ARG A 343 -8.71 13.01 6.08
C ARG A 343 -8.53 12.48 4.65
N LYS A 344 -7.31 12.01 4.36
CA LYS A 344 -6.99 11.42 3.07
C LYS A 344 -7.79 10.14 2.80
N ILE A 345 -7.94 9.28 3.82
CA ILE A 345 -8.52 7.97 3.56
C ILE A 345 -9.99 7.87 3.93
N TYR A 346 -10.44 8.71 4.85
CA TYR A 346 -11.86 8.86 5.10
C TYR A 346 -12.41 10.08 4.36
ZN ZN B . -3.94 -7.57 -5.79
ZN ZN C . -7.44 -5.38 -3.25
ZN ZN D . -3.02 -9.54 -3.53
P PO4 E . -1.86 3.75 -5.56
O1 PO4 E . -2.72 2.91 -4.66
O2 PO4 E . -2.08 3.35 -6.96
O3 PO4 E . -2.23 5.18 -5.40
O4 PO4 E . -0.43 3.55 -5.19
P1 BFQ F . -4.66 -4.63 -4.73
P1 BFQ F . -4.68 -4.60 -4.79
O2 BFQ F . -4.43 -5.67 -5.78
O2 BFQ F . -4.40 -5.62 -5.84
O3 BFQ F . -6.20 -4.47 -4.45
O3 BFQ F . -6.22 -4.53 -4.51
O5 BFQ F . -4.13 -3.19 -5.15
O5 BFQ F . -4.21 -3.14 -5.22
C7 BFQ F . -3.87 -5.05 -3.16
C7 BFQ F . -3.89 -4.97 -3.21
P8 BFQ F . -4.46 -6.71 -2.63
P8 BFQ F . -4.43 -6.65 -2.64
O9 BFQ F . -4.21 -7.80 -3.60
O9 BFQ F . -4.15 -7.75 -3.60
O10 BFQ F . -3.77 -6.93 -1.21
O10 BFQ F . -3.77 -6.88 -1.20
O12 BFQ F . -6.02 -6.52 -2.34
O12 BFQ F . -5.99 -6.51 -2.38
O14 BFQ F . -4.24 -4.10 -2.15
O14 BFQ F . -4.34 -4.00 -2.25
C16 BFQ F . -2.32 -5.07 -3.31
C16 BFQ F . -2.33 -4.85 -3.35
C19 BFQ F . -1.59 -4.15 -2.25
C19 BFQ F . -1.72 -4.20 -2.04
N22 BFQ F . -1.22 -4.79 -0.95
N22 BFQ F . -1.86 -5.06 -0.85
C23 BFQ F . -0.69 -6.16 -1.06
C23 BFQ F . -0.92 -6.21 -0.84
C26 BFQ F . 0.80 -6.26 -0.71
C26 BFQ F . 0.57 -5.84 -0.76
C29 BFQ F . 1.46 -7.08 -1.86
C29 BFQ F . 1.35 -7.14 -1.08
C32 BFQ F . 2.85 -7.59 -1.52
C32 BFQ F . 2.75 -6.84 -1.64
C35 BFQ F . 3.46 -8.20 -2.80
C35 BFQ F . 3.21 -8.00 -2.57
C39 BFQ F . -2.30 -4.71 0.05
C39 BFQ F . -1.70 -4.28 0.39
#